data_1OWI
#
_entry.id   1OWI
#
_cell.length_a   55.160
_cell.length_b   53.000
_cell.length_c   82.300
_cell.angle_alpha   90.00
_cell.angle_beta   90.00
_cell.angle_gamma   90.00
#
_symmetry.space_group_name_H-M   'P 21 21 21'
#
loop_
_entity.id
_entity.type
_entity.pdbx_description
1 polymer 'Urokinase-type plasminogen activator'
2 non-polymer 6-[(Z)-AMINO(IMINO)METHYL]-N-[3-(CYCLOPENTYLOXY)PHENYL]-2-NAPHTHAMIDE
#
_entity_poly.entity_id   1
_entity_poly.type   'polypeptide(L)'
_entity_poly.pdbx_seq_one_letter_code
;IIGGEFTTIENQPWFAAIYRRHRGGSVTYVCGGSLMSPCWVISATHCFIDYPKKEDYIVYLGRSRLNSNTQGEMKFEVEN
LILHKDYSADTLAHHNDIALLKIRSKEGRCAQPSRTIQTICLPSMYNDPQFGTSCEITGFGKENSTDYLYPEQLKMTVVK
LISHRECQQPHYYGSEVTTKMLCAADPQWKTDSCQGDSGGPLVCSLQGRMTLTGIVSWGRGCALKDKPGVYTRVSHFLPW
IRSHT
;
_entity_poly.pdbx_strand_id   A
#
loop_
_chem_comp.id
_chem_comp.type
_chem_comp.name
_chem_comp.formula
426 non-polymer 6-[(Z)-AMINO(IMINO)METHYL]-N-[3-(CYCLOPENTYLOXY)PHENYL]-2-NAPHTHAMIDE 'C23 H23 N3 O2'
#
# COMPACT_ATOMS: atom_id res chain seq x y z
N ILE A 1 6.34 -7.32 -6.08
CA ILE A 1 7.19 -7.92 -5.01
C ILE A 1 8.45 -8.64 -5.55
N ILE A 2 9.59 -8.37 -4.93
CA ILE A 2 10.84 -9.02 -5.31
C ILE A 2 10.98 -10.18 -4.30
N GLY A 3 11.35 -11.37 -4.78
CA GLY A 3 11.46 -12.50 -3.87
C GLY A 3 10.08 -12.86 -3.33
N GLY A 4 9.97 -13.12 -2.03
CA GLY A 4 8.68 -13.43 -1.46
C GLY A 4 8.03 -14.73 -1.89
N GLU A 5 6.71 -14.80 -1.77
CA GLU A 5 5.94 -16.00 -2.12
C GLU A 5 4.68 -15.66 -2.89
N PHE A 6 4.24 -16.55 -3.78
CA PHE A 6 2.97 -16.29 -4.47
C PHE A 6 1.89 -16.50 -3.43
N THR A 7 0.67 -16.08 -3.72
CA THR A 7 -0.41 -16.19 -2.76
C THR A 7 -1.75 -15.89 -3.43
N THR A 8 -2.81 -16.08 -2.65
CA THR A 8 -4.18 -15.83 -3.04
C THR A 8 -4.81 -14.75 -2.15
N ILE A 9 -5.85 -14.11 -2.64
CA ILE A 9 -6.51 -13.06 -1.88
C ILE A 9 -7.04 -13.52 -0.53
N GLU A 10 -7.33 -14.82 -0.36
CA GLU A 10 -7.88 -15.28 0.90
C GLU A 10 -6.92 -15.06 2.09
N ASN A 11 -5.67 -14.71 1.79
CA ASN A 11 -4.65 -14.48 2.81
C ASN A 11 -4.42 -13.00 3.08
N GLN A 12 -5.01 -12.14 2.25
CA GLN A 12 -4.91 -10.68 2.38
C GLN A 12 -6.29 -10.08 2.03
N PRO A 13 -7.34 -10.38 2.82
CA PRO A 13 -8.69 -9.89 2.55
C PRO A 13 -8.94 -8.38 2.60
N TRP A 14 -7.90 -7.61 2.89
CA TRP A 14 -7.97 -6.16 3.00
C TRP A 14 -7.20 -5.48 1.86
N PHE A 15 -6.80 -6.26 0.86
CA PHE A 15 -6.03 -5.77 -0.27
C PHE A 15 -6.93 -5.33 -1.41
N ALA A 16 -6.74 -4.08 -1.84
CA ALA A 16 -7.52 -3.49 -2.93
C ALA A 16 -6.69 -3.29 -4.20
N ALA A 17 -7.20 -3.79 -5.33
CA ALA A 17 -6.51 -3.66 -6.61
C ALA A 17 -7.11 -2.51 -7.37
N ILE A 18 -6.31 -1.46 -7.54
CA ILE A 18 -6.77 -0.27 -8.24
C ILE A 18 -6.16 -0.16 -9.64
N TYR A 19 -7.05 -0.15 -10.63
CA TYR A 19 -6.66 -0.01 -12.03
C TYR A 19 -7.29 1.31 -12.48
N ARG A 20 -6.98 1.74 -13.70
CA ARG A 20 -7.56 2.98 -14.25
C ARG A 20 -7.77 2.90 -15.75
N ARG A 21 -8.96 3.27 -16.20
CA ARG A 21 -9.31 3.27 -17.62
C ARG A 21 -8.57 4.38 -18.33
N HIS A 22 -8.21 4.14 -19.58
CA HIS A 22 -7.50 5.13 -20.37
C HIS A 22 -8.41 5.51 -21.53
N ARG A 23 -8.21 6.72 -22.03
CA ARG A 23 -8.97 7.22 -23.17
C ARG A 23 -8.76 6.13 -24.23
N GLY A 24 -9.84 5.48 -24.65
CA GLY A 24 -9.72 4.44 -25.64
C GLY A 24 -10.26 3.10 -25.18
N GLY A 25 -10.37 2.93 -23.87
CA GLY A 25 -10.92 1.69 -23.34
C GLY A 25 -9.99 0.79 -22.53
N SER A 26 -8.74 0.64 -22.98
CA SER A 26 -7.79 -0.23 -22.28
C SER A 26 -7.62 0.22 -20.84
N VAL A 27 -7.48 -0.75 -19.94
CA VAL A 27 -7.33 -0.49 -18.51
C VAL A 27 -6.07 -1.14 -17.95
N THR A 28 -5.27 -0.37 -17.21
CA THR A 28 -4.05 -0.91 -16.63
C THR A 28 -4.09 -0.87 -15.10
N TYR A 29 -3.18 -1.62 -14.47
CA TYR A 29 -3.10 -1.68 -13.02
C TYR A 29 -2.22 -0.55 -12.52
N VAL A 30 -2.70 0.12 -11.48
CA VAL A 30 -1.98 1.25 -10.89
C VAL A 30 -1.25 0.94 -9.58
N CYS A 31 -2.01 0.86 -8.49
CA CYS A 31 -1.44 0.58 -7.16
C CYS A 31 -2.40 -0.27 -6.34
N GLY A 32 -1.94 -0.64 -5.14
CA GLY A 32 -2.74 -1.41 -4.21
C GLY A 32 -3.22 -0.50 -3.08
N GLY A 33 -4.20 -0.97 -2.31
CA GLY A 33 -4.74 -0.18 -1.21
C GLY A 33 -5.18 -1.03 -0.04
N SER A 34 -5.84 -0.43 0.95
CA SER A 34 -6.29 -1.19 2.11
C SER A 34 -7.70 -0.79 2.53
N LEU A 35 -8.57 -1.79 2.73
CA LEU A 35 -9.95 -1.52 3.12
C LEU A 35 -10.08 -1.07 4.58
N MET A 36 -10.25 0.24 4.76
CA MET A 36 -10.35 0.83 6.08
C MET A 36 -11.67 0.50 6.75
N SER A 37 -12.75 0.61 5.99
CA SER A 37 -14.09 0.31 6.47
C SER A 37 -14.91 -0.04 5.24
N PRO A 38 -16.15 -0.49 5.44
CA PRO A 38 -17.02 -0.87 4.33
C PRO A 38 -17.05 0.10 3.14
N CYS A 39 -16.95 1.39 3.43
CA CYS A 39 -16.98 2.41 2.40
C CYS A 39 -15.64 3.08 2.07
N TRP A 40 -14.58 2.75 2.82
CA TRP A 40 -13.29 3.40 2.60
C TRP A 40 -12.04 2.56 2.40
N VAL A 41 -11.17 3.05 1.52
CA VAL A 41 -9.89 2.43 1.22
C VAL A 41 -8.86 3.53 1.41
N ILE A 42 -7.65 3.15 1.84
CA ILE A 42 -6.60 4.12 2.10
C ILE A 42 -5.33 3.74 1.31
N SER A 43 -4.85 4.66 0.49
CA SER A 43 -3.65 4.39 -0.33
C SER A 43 -2.60 5.50 -0.22
N ALA A 44 -1.87 5.71 -1.31
CA ALA A 44 -0.82 6.72 -1.37
C ALA A 44 -1.25 7.80 -2.36
N THR A 45 -0.94 9.05 -2.05
CA THR A 45 -1.33 10.14 -2.93
C THR A 45 -0.57 10.21 -4.23
N HIS A 46 0.61 9.58 -4.31
CA HIS A 46 1.40 9.66 -5.54
C HIS A 46 0.96 8.71 -6.64
N CYS A 47 -0.10 7.96 -6.37
CA CYS A 47 -0.66 7.02 -7.35
C CYS A 47 -1.81 7.69 -8.08
N PHE A 48 -2.17 8.89 -7.63
CA PHE A 48 -3.31 9.59 -8.19
C PHE A 48 -3.09 11.06 -8.53
N ILE A 49 -2.15 11.68 -7.83
CA ILE A 49 -1.84 13.09 -8.00
C ILE A 49 -1.83 13.59 -9.44
N ASP A 50 -1.26 12.80 -10.35
CA ASP A 50 -1.18 13.18 -11.76
C ASP A 50 -2.47 12.90 -12.57
N TYR A 51 -3.38 12.08 -12.02
CA TYR A 51 -4.67 11.81 -12.68
C TYR A 51 -5.76 11.88 -11.62
N PRO A 52 -6.03 13.09 -11.09
CA PRO A 52 -7.05 13.36 -10.07
C PRO A 52 -8.52 13.07 -10.40
N LYS A 53 -8.80 12.60 -11.61
CA LYS A 53 -10.18 12.31 -12.01
C LYS A 53 -10.71 10.99 -11.43
N LYS A 54 -11.51 11.09 -10.39
CA LYS A 54 -12.08 9.89 -9.76
C LYS A 54 -12.75 8.89 -10.71
N GLU A 55 -13.45 9.38 -11.72
CA GLU A 55 -14.12 8.50 -12.68
C GLU A 55 -13.19 7.49 -13.35
N ASP A 56 -11.92 7.84 -13.53
CA ASP A 56 -10.99 6.94 -14.21
C ASP A 56 -10.62 5.68 -13.43
N TYR A 57 -10.72 5.75 -12.12
CA TYR A 57 -10.32 4.61 -11.30
C TYR A 57 -11.34 3.51 -11.09
N ILE A 58 -10.80 2.29 -11.02
CA ILE A 58 -11.56 1.06 -10.80
C ILE A 58 -10.88 0.42 -9.59
N VAL A 59 -11.64 -0.26 -8.75
CA VAL A 59 -11.07 -0.92 -7.57
C VAL A 59 -11.74 -2.25 -7.29
N TYR A 60 -10.94 -3.25 -7.01
CA TYR A 60 -11.49 -4.56 -6.69
C TYR A 60 -11.07 -5.01 -5.30
N LEU A 61 -11.85 -5.91 -4.73
CA LEU A 61 -11.57 -6.51 -3.44
C LEU A 61 -11.81 -8.00 -3.67
N GLY A 62 -10.99 -8.86 -3.05
CA GLY A 62 -11.18 -10.28 -3.24
C GLY A 62 -10.72 -10.82 -4.58
N ARG A 63 -9.87 -10.06 -5.29
CA ARG A 63 -9.35 -10.49 -6.59
C ARG A 63 -7.97 -11.15 -6.35
N SER A 64 -7.77 -12.35 -6.88
CA SER A 64 -6.50 -13.07 -6.71
C SER A 64 -5.49 -12.93 -7.86
N ARG A 65 -5.97 -12.66 -9.07
CA ARG A 65 -5.08 -12.53 -10.23
C ARG A 65 -5.22 -11.17 -10.90
N LEU A 66 -4.28 -10.86 -11.81
CA LEU A 66 -4.27 -9.57 -12.48
C LEU A 66 -5.25 -9.45 -13.64
N ASN A 67 -5.47 -10.54 -14.39
CA ASN A 67 -6.41 -10.49 -15.50
C ASN A 67 -7.40 -11.65 -15.47
N SER A 68 -7.91 -11.94 -14.29
CA SER A 68 -8.88 -13.02 -14.10
C SER A 68 -9.93 -12.53 -13.10
N ASN A 69 -11.14 -13.06 -13.18
CA ASN A 69 -12.20 -12.68 -12.25
C ASN A 69 -12.33 -13.76 -11.18
N THR A 70 -11.82 -13.46 -9.98
CA THR A 70 -11.84 -14.39 -8.84
C THR A 70 -13.23 -14.55 -8.23
N GLN A 71 -13.67 -15.81 -8.10
CA GLN A 71 -14.97 -16.10 -7.52
C GLN A 71 -15.07 -15.46 -6.14
N GLY A 72 -15.97 -14.49 -6.02
CA GLY A 72 -16.16 -13.79 -4.77
C GLY A 72 -15.81 -12.31 -4.84
N GLU A 73 -15.13 -11.89 -5.90
CA GLU A 73 -14.73 -10.49 -6.04
C GLU A 73 -15.91 -9.54 -6.18
N MET A 74 -15.62 -8.25 -6.12
CA MET A 74 -16.60 -7.17 -6.26
C MET A 74 -15.89 -6.01 -6.98
N LYS A 75 -16.54 -5.46 -8.01
CA LYS A 75 -15.98 -4.34 -8.77
C LYS A 75 -16.57 -3.01 -8.26
N PHE A 76 -15.72 -2.07 -7.84
CA PHE A 76 -16.19 -0.79 -7.33
C PHE A 76 -15.78 0.45 -8.12
N GLU A 77 -16.31 1.59 -7.69
CA GLU A 77 -16.00 2.89 -8.28
C GLU A 77 -15.68 3.83 -7.13
N VAL A 78 -14.85 4.85 -7.39
CA VAL A 78 -14.43 5.82 -6.36
C VAL A 78 -15.36 7.02 -6.13
N GLU A 79 -16.30 6.88 -5.20
CA GLU A 79 -17.22 7.97 -4.89
C GLU A 79 -16.51 9.29 -4.53
N ASN A 80 -15.51 9.22 -3.66
CA ASN A 80 -14.79 10.39 -3.21
C ASN A 80 -13.29 10.12 -3.25
N LEU A 81 -12.52 11.02 -3.84
CA LEU A 81 -11.07 10.86 -3.91
C LEU A 81 -10.46 12.03 -3.14
N ILE A 82 -9.80 11.72 -2.04
CA ILE A 82 -9.20 12.74 -1.19
C ILE A 82 -7.69 12.60 -1.08
N LEU A 83 -6.95 13.63 -1.51
CA LEU A 83 -5.50 13.61 -1.49
C LEU A 83 -5.02 14.56 -0.39
N HIS A 84 -4.03 14.16 0.39
CA HIS A 84 -3.54 15.01 1.47
C HIS A 84 -3.21 16.38 0.89
N LYS A 85 -3.84 17.41 1.43
CA LYS A 85 -3.63 18.78 0.96
C LYS A 85 -2.26 19.40 1.21
N ASP A 86 -1.32 18.62 1.75
CA ASP A 86 0.04 19.12 2.01
C ASP A 86 1.14 18.24 1.41
N TYR A 87 0.78 17.37 0.46
CA TYR A 87 1.70 16.45 -0.21
C TYR A 87 2.71 17.09 -1.17
N SER A 88 3.90 16.50 -1.23
CA SER A 88 4.98 16.95 -2.10
C SER A 88 5.93 15.79 -2.39
N ALA A 89 6.69 15.91 -3.48
CA ALA A 89 7.63 14.86 -3.87
C ALA A 89 9.03 15.36 -4.20
N ASP A 90 9.98 15.11 -3.31
CA ASP A 90 11.36 15.51 -3.54
C ASP A 90 12.07 14.47 -4.41
N THR A 91 13.40 14.49 -4.42
CA THR A 91 14.18 13.56 -5.24
C THR A 91 13.85 12.09 -4.97
N LEU A 92 13.72 11.73 -3.69
CA LEU A 92 13.38 10.37 -3.33
C LEU A 92 12.19 10.33 -2.38
N ALA A 93 12.25 11.13 -1.33
CA ALA A 93 11.19 11.19 -0.33
C ALA A 93 9.87 11.76 -0.82
N HIS A 94 8.77 11.12 -0.40
CA HIS A 94 7.42 11.55 -0.74
C HIS A 94 6.76 11.95 0.57
N HIS A 95 6.30 13.18 0.63
CA HIS A 95 5.69 13.73 1.83
C HIS A 95 4.18 13.60 1.90
N ASN A 96 3.69 13.20 3.09
CA ASN A 96 2.27 13.02 3.33
C ASN A 96 1.64 12.25 2.19
N ASP A 97 2.28 11.13 1.88
CA ASP A 97 1.89 10.24 0.79
C ASP A 97 0.80 9.30 1.33
N ILE A 98 -0.38 9.86 1.57
CA ILE A 98 -1.52 9.13 2.10
C ILE A 98 -2.81 9.72 1.51
N ALA A 99 -3.65 8.85 0.95
CA ALA A 99 -4.91 9.28 0.34
C ALA A 99 -6.08 8.38 0.76
N LEU A 100 -7.29 8.80 0.39
CA LEU A 100 -8.50 8.08 0.71
C LEU A 100 -9.43 7.97 -0.50
N LEU A 101 -10.03 6.80 -0.67
CA LEU A 101 -10.98 6.59 -1.75
C LEU A 101 -12.26 5.98 -1.20
N LYS A 102 -13.33 6.77 -1.21
CA LYS A 102 -14.62 6.28 -0.76
C LYS A 102 -15.13 5.50 -1.94
N ILE A 103 -15.36 4.21 -1.74
CA ILE A 103 -15.81 3.32 -2.81
C ILE A 103 -17.32 3.23 -2.92
N ARG A 104 -17.79 2.64 -4.02
CA ARG A 104 -19.21 2.49 -4.30
C ARG A 104 -19.44 1.59 -5.51
N SER A 105 -20.36 0.64 -5.38
CA SER A 105 -20.70 -0.27 -6.47
C SER A 105 -21.71 0.43 -7.36
N LYS A 106 -21.97 -0.09 -8.56
CA LYS A 106 -22.93 0.57 -9.43
C LYS A 106 -24.31 0.74 -8.79
N GLU A 107 -24.63 -0.10 -7.80
CA GLU A 107 -25.90 -0.02 -7.11
C GLU A 107 -25.89 1.08 -6.06
N GLY A 108 -24.69 1.47 -5.62
CA GLY A 108 -24.57 2.53 -4.64
C GLY A 108 -24.15 2.10 -3.23
N ARG A 109 -24.00 0.79 -3.03
CA ARG A 109 -23.62 0.24 -1.74
C ARG A 109 -22.11 0.16 -1.63
N CYS A 110 -21.62 -0.03 -0.41
CA CYS A 110 -20.20 -0.14 -0.18
C CYS A 110 -19.79 -1.61 -0.26
N ALA A 111 -18.75 -2.00 0.46
CA ALA A 111 -18.26 -3.38 0.42
C ALA A 111 -18.94 -4.33 1.40
N GLN A 112 -19.21 -5.54 0.91
CA GLN A 112 -19.85 -6.57 1.71
C GLN A 112 -18.81 -7.57 2.22
N PRO A 113 -18.39 -7.43 3.49
CA PRO A 113 -17.39 -8.34 4.06
C PRO A 113 -17.70 -9.81 3.80
N SER A 114 -16.64 -10.60 3.56
CA SER A 114 -16.75 -12.02 3.29
C SER A 114 -15.44 -12.72 3.66
N ARG A 115 -15.39 -14.02 3.35
CA ARG A 115 -14.21 -14.84 3.62
C ARG A 115 -12.95 -14.32 2.91
N THR A 116 -13.14 -13.48 1.89
CA THR A 116 -12.03 -12.89 1.12
C THR A 116 -12.14 -11.37 0.96
N ILE A 117 -13.01 -10.73 1.74
CA ILE A 117 -13.18 -9.28 1.69
C ILE A 117 -13.42 -8.77 3.12
N GLN A 118 -12.32 -8.55 3.84
CA GLN A 118 -12.33 -8.11 5.23
C GLN A 118 -11.59 -6.80 5.41
N THR A 119 -11.51 -6.30 6.64
CA THR A 119 -10.83 -5.05 6.95
C THR A 119 -9.61 -5.21 7.87
N ILE A 120 -8.77 -4.18 7.88
CA ILE A 120 -7.59 -4.13 8.75
C ILE A 120 -7.72 -2.89 9.62
N CYS A 121 -7.23 -3.00 10.85
CA CYS A 121 -7.31 -1.91 11.82
C CYS A 121 -6.15 -0.92 11.80
N LEU A 122 -6.47 0.36 11.99
CA LEU A 122 -5.45 1.40 12.03
C LEU A 122 -4.71 1.32 13.38
N PRO A 123 -3.45 1.73 13.40
CA PRO A 123 -2.68 1.69 14.64
C PRO A 123 -3.24 2.76 15.57
N SER A 124 -2.96 2.62 16.87
CA SER A 124 -3.43 3.58 17.86
C SER A 124 -2.35 4.63 18.16
N MET A 125 -2.79 5.85 18.47
CA MET A 125 -1.89 6.95 18.78
C MET A 125 -0.69 6.51 19.62
N TYR A 126 0.50 7.00 19.24
CA TYR A 126 1.74 6.72 19.97
C TYR A 126 1.97 5.24 20.29
N ASN A 127 1.71 4.35 19.34
CA ASN A 127 1.90 2.94 19.63
C ASN A 127 2.25 2.15 18.38
N ASP A 128 3.53 2.14 18.04
CA ASP A 128 4.01 1.40 16.86
C ASP A 128 5.00 0.31 17.25
N PRO A 129 5.04 -0.79 16.47
CA PRO A 129 5.98 -1.83 16.84
C PRO A 129 7.41 -1.31 16.95
N GLN A 130 8.20 -2.00 17.77
CA GLN A 130 9.60 -1.68 18.01
C GLN A 130 10.38 -2.04 16.75
N PHE A 131 11.60 -1.52 16.63
CA PHE A 131 12.40 -1.83 15.45
C PHE A 131 12.83 -3.30 15.46
N GLY A 132 13.05 -3.86 14.28
CA GLY A 132 13.45 -5.25 14.18
C GLY A 132 12.28 -6.21 14.15
N THR A 133 11.06 -5.66 14.20
CA THR A 133 9.82 -6.44 14.17
C THR A 133 9.51 -6.87 12.76
N SER A 134 9.05 -8.12 12.61
CA SER A 134 8.71 -8.62 11.29
C SER A 134 7.29 -8.21 10.93
N CYS A 135 7.11 -7.81 9.67
CA CYS A 135 5.82 -7.40 9.15
C CYS A 135 5.73 -7.95 7.72
N GLU A 136 4.58 -7.77 7.07
CA GLU A 136 4.38 -8.28 5.71
C GLU A 136 3.81 -7.28 4.72
N ILE A 137 4.30 -7.33 3.48
CA ILE A 137 3.82 -6.45 2.44
C ILE A 137 3.20 -7.31 1.36
N THR A 138 2.18 -6.79 0.67
CA THR A 138 1.47 -7.55 -0.37
C THR A 138 1.28 -6.74 -1.66
N GLY A 139 1.28 -7.42 -2.81
CA GLY A 139 1.06 -6.70 -4.05
C GLY A 139 1.30 -7.40 -5.37
N PHE A 140 1.03 -6.66 -6.45
CA PHE A 140 1.24 -7.13 -7.81
C PHE A 140 2.39 -6.35 -8.46
N GLY A 141 3.29 -5.81 -7.65
CA GLY A 141 4.41 -5.06 -8.19
C GLY A 141 5.48 -5.96 -8.78
N LYS A 142 6.47 -5.37 -9.44
CA LYS A 142 7.54 -6.13 -10.08
C LYS A 142 8.21 -7.21 -9.24
N GLU A 143 8.67 -8.27 -9.91
CA GLU A 143 9.38 -9.35 -9.25
C GLU A 143 10.88 -9.01 -9.30
N ASN A 144 11.25 -8.29 -10.36
CA ASN A 144 12.60 -7.82 -10.58
C ASN A 144 12.50 -6.42 -11.18
N SER A 145 13.49 -5.59 -10.88
CA SER A 145 13.50 -4.22 -11.35
C SER A 145 13.77 -4.07 -12.84
N THR A 146 14.25 -5.12 -13.48
CA THR A 146 14.52 -5.09 -14.91
C THR A 146 13.32 -5.49 -15.76
N ASP A 147 12.27 -5.96 -15.12
CA ASP A 147 11.06 -6.37 -15.82
C ASP A 147 10.20 -5.17 -16.19
N TYR A 148 9.15 -5.44 -16.94
CA TYR A 148 8.21 -4.39 -17.31
C TYR A 148 6.76 -4.84 -17.09
N LEU A 149 6.56 -6.14 -16.94
CA LEU A 149 5.23 -6.68 -16.70
C LEU A 149 5.13 -7.03 -15.23
N TYR A 150 3.93 -6.89 -14.68
CA TYR A 150 3.68 -7.22 -13.28
C TYR A 150 3.34 -8.72 -13.20
N PRO A 151 3.66 -9.36 -12.07
CA PRO A 151 3.34 -10.78 -11.96
C PRO A 151 1.84 -11.01 -12.16
N GLU A 152 1.49 -12.17 -12.70
CA GLU A 152 0.10 -12.52 -12.95
C GLU A 152 -0.63 -12.96 -11.68
N GLN A 153 0.10 -13.38 -10.66
CA GLN A 153 -0.53 -13.80 -9.42
C GLN A 153 -0.08 -12.93 -8.25
N LEU A 154 -0.94 -12.77 -7.26
CA LEU A 154 -0.64 -11.95 -6.10
C LEU A 154 0.56 -12.53 -5.34
N LYS A 155 1.37 -11.65 -4.76
CA LYS A 155 2.54 -12.07 -3.99
C LYS A 155 2.62 -11.33 -2.65
N MET A 156 3.48 -11.85 -1.76
CA MET A 156 3.67 -11.26 -0.44
C MET A 156 4.97 -11.78 0.16
N THR A 157 5.58 -10.95 1.00
CA THR A 157 6.82 -11.30 1.68
C THR A 157 6.83 -10.67 3.07
N VAL A 158 7.78 -11.08 3.89
CA VAL A 158 7.91 -10.55 5.23
C VAL A 158 9.23 -9.78 5.27
N VAL A 159 9.22 -8.65 5.96
CA VAL A 159 10.39 -7.80 6.11
C VAL A 159 10.50 -7.38 7.59
N LYS A 160 11.52 -6.61 7.93
CA LYS A 160 11.73 -6.16 9.32
C LYS A 160 11.77 -4.62 9.37
N LEU A 161 11.41 -4.06 10.54
CA LEU A 161 11.43 -2.61 10.72
C LEU A 161 12.80 -2.08 11.16
N ILE A 162 13.23 -0.98 10.56
CA ILE A 162 14.53 -0.37 10.86
C ILE A 162 14.35 0.97 11.57
N SER A 163 14.98 1.13 12.73
CA SER A 163 14.88 2.36 13.55
C SER A 163 15.15 3.66 12.79
N HIS A 164 14.62 4.78 13.29
CA HIS A 164 14.80 6.09 12.65
C HIS A 164 16.26 6.54 12.57
N ARG A 165 17.00 6.40 13.66
CA ARG A 165 18.39 6.84 13.60
C ARG A 165 19.22 5.96 12.66
N GLU A 166 18.95 4.66 12.68
CA GLU A 166 19.68 3.76 11.80
C GLU A 166 19.39 4.04 10.34
N CYS A 167 18.18 4.51 10.06
CA CYS A 167 17.77 4.81 8.69
C CYS A 167 18.26 6.19 8.21
N GLN A 168 18.63 7.05 9.16
CA GLN A 168 19.15 8.40 8.86
C GLN A 168 20.67 8.44 8.74
N GLN A 169 21.34 7.29 8.87
CA GLN A 169 22.79 7.25 8.74
C GLN A 169 23.02 7.64 7.28
N PRO A 170 24.22 8.16 6.94
CA PRO A 170 24.59 8.59 5.60
C PRO A 170 24.42 7.58 4.46
N HIS A 171 24.89 6.35 4.63
CA HIS A 171 24.76 5.30 3.59
C HIS A 171 23.32 4.77 3.42
N TYR A 172 22.36 5.41 4.10
CA TYR A 172 20.96 5.03 4.05
C TYR A 172 20.11 6.14 3.39
N TYR A 173 19.40 6.92 4.20
CA TYR A 173 18.59 8.02 3.66
C TYR A 173 18.85 9.37 4.32
N GLY A 174 19.94 9.48 5.06
CA GLY A 174 20.25 10.74 5.72
C GLY A 174 19.04 11.47 6.28
N SER A 175 19.08 12.81 6.20
CA SER A 175 17.97 13.61 6.69
C SER A 175 16.78 13.64 5.71
N GLU A 176 16.80 12.77 4.72
CA GLU A 176 15.72 12.68 3.74
C GLU A 176 14.55 11.91 4.36
N VAL A 177 14.86 10.90 5.16
CA VAL A 177 13.83 10.15 5.84
C VAL A 177 13.53 10.93 7.12
N THR A 178 12.26 11.27 7.30
CA THR A 178 11.81 12.03 8.46
C THR A 178 11.00 11.13 9.39
N THR A 179 10.65 11.65 10.57
CA THR A 179 9.91 10.85 11.55
C THR A 179 8.46 10.51 11.24
N LYS A 180 7.95 10.91 10.09
CA LYS A 180 6.57 10.56 9.74
C LYS A 180 6.61 9.44 8.68
N MET A 181 7.69 8.66 8.73
CA MET A 181 7.91 7.56 7.79
C MET A 181 8.62 6.46 8.54
N LEU A 182 8.38 5.22 8.16
CA LEU A 182 9.03 4.05 8.77
C LEU A 182 9.85 3.30 7.74
N CYS A 183 11.04 2.84 8.12
CA CYS A 183 11.88 2.09 7.19
C CYS A 183 11.72 0.61 7.50
N ALA A 184 11.83 -0.22 6.47
CA ALA A 184 11.69 -1.66 6.65
C ALA A 184 12.32 -2.41 5.48
N ALA A 185 13.04 -3.47 5.79
CA ALA A 185 13.70 -4.25 4.74
C ALA A 185 14.27 -5.59 5.22
N ASP A 186 14.65 -6.41 4.24
CA ASP A 186 15.24 -7.72 4.48
C ASP A 186 16.70 -7.53 4.88
N PRO A 187 17.11 -8.12 6.02
CA PRO A 187 18.49 -8.00 6.48
C PRO A 187 19.51 -8.50 5.45
N GLN A 188 19.06 -9.34 4.52
CA GLN A 188 19.94 -9.87 3.48
C GLN A 188 19.66 -9.24 2.11
N TRP A 189 18.74 -8.28 2.08
CA TRP A 189 18.37 -7.54 0.86
C TRP A 189 18.05 -8.41 -0.37
N LYS A 190 17.41 -9.56 -0.17
CA LYS A 190 17.05 -10.44 -1.27
C LYS A 190 15.57 -10.27 -1.65
N THR A 191 14.81 -9.68 -0.76
CA THR A 191 13.39 -9.46 -0.99
C THR A 191 13.01 -8.04 -0.60
N ASP A 192 12.00 -7.50 -1.26
CA ASP A 192 11.58 -6.14 -0.98
C ASP A 192 10.40 -5.80 -1.86
N SER A 193 9.63 -4.79 -1.48
CA SER A 193 8.50 -4.36 -2.29
C SER A 193 9.14 -3.67 -3.48
N CYS A 194 8.35 -3.20 -4.43
CA CYS A 194 8.93 -2.53 -5.58
C CYS A 194 7.82 -1.82 -6.36
N GLN A 195 8.20 -1.08 -7.40
CA GLN A 195 7.25 -0.37 -8.25
C GLN A 195 6.10 -1.33 -8.59
N GLY A 196 4.88 -0.86 -8.40
CA GLY A 196 3.72 -1.70 -8.64
C GLY A 196 3.01 -1.92 -7.32
N ASP A 197 3.81 -2.07 -6.25
CA ASP A 197 3.28 -2.30 -4.91
C ASP A 197 2.97 -1.01 -4.15
N SER A 198 3.35 0.14 -4.71
CA SER A 198 3.11 1.41 -4.05
C SER A 198 1.73 1.49 -3.39
N GLY A 199 1.67 2.07 -2.20
CA GLY A 199 0.39 2.20 -1.50
C GLY A 199 -0.14 0.90 -0.96
N GLY A 200 0.73 -0.10 -0.90
CA GLY A 200 0.36 -1.41 -0.40
C GLY A 200 0.29 -1.48 1.11
N PRO A 201 -0.51 -2.41 1.64
CA PRO A 201 -0.67 -2.59 3.07
C PRO A 201 0.56 -3.17 3.77
N LEU A 202 1.03 -2.49 4.82
CA LEU A 202 2.15 -2.99 5.60
C LEU A 202 1.55 -3.40 6.94
N VAL A 203 1.20 -4.67 7.05
CA VAL A 203 0.59 -5.21 8.25
C VAL A 203 1.64 -5.75 9.22
N CYS A 204 1.54 -5.31 10.47
CA CYS A 204 2.44 -5.72 11.55
C CYS A 204 1.58 -6.23 12.70
N SER A 205 1.88 -7.41 13.23
CA SER A 205 1.10 -7.94 14.35
C SER A 205 1.60 -7.26 15.64
N LEU A 206 0.88 -6.23 16.09
CA LEU A 206 1.30 -5.52 17.30
C LEU A 206 0.47 -5.88 18.51
N GLN A 207 1.15 -6.42 19.53
CA GLN A 207 0.50 -6.82 20.78
C GLN A 207 -0.68 -7.76 20.58
N GLY A 208 -0.65 -8.55 19.51
CA GLY A 208 -1.73 -9.48 19.26
C GLY A 208 -2.63 -9.18 18.06
N ARG A 209 -2.84 -7.91 17.73
CA ARG A 209 -3.71 -7.56 16.62
C ARG A 209 -3.01 -7.12 15.33
N MET A 210 -3.36 -7.79 14.24
CA MET A 210 -2.84 -7.47 12.91
C MET A 210 -3.15 -5.97 12.67
N THR A 211 -2.11 -5.15 12.47
CA THR A 211 -2.31 -3.72 12.27
C THR A 211 -1.73 -3.14 10.98
N LEU A 212 -2.43 -2.19 10.38
CA LEU A 212 -1.96 -1.50 9.18
C LEU A 212 -1.03 -0.40 9.66
N THR A 213 0.25 -0.72 9.74
CA THR A 213 1.24 0.22 10.24
C THR A 213 1.83 1.19 9.22
N GLY A 214 1.86 0.80 7.95
CA GLY A 214 2.40 1.70 6.96
C GLY A 214 1.87 1.45 5.55
N ILE A 215 2.00 2.47 4.71
CA ILE A 215 1.56 2.37 3.33
C ILE A 215 2.85 2.44 2.53
N VAL A 216 2.96 1.62 1.48
CA VAL A 216 4.17 1.61 0.64
C VAL A 216 4.32 2.98 -0.02
N SER A 217 5.45 3.64 0.23
CA SER A 217 5.70 4.98 -0.32
C SER A 217 6.86 5.13 -1.29
N TRP A 218 8.10 4.93 -0.82
CA TRP A 218 9.26 5.09 -1.69
C TRP A 218 10.50 4.35 -1.23
N GLY A 219 11.48 4.25 -2.13
CA GLY A 219 12.74 3.59 -1.83
C GLY A 219 13.70 3.69 -3.01
N ARG A 220 15.00 3.62 -2.75
CA ARG A 220 15.97 3.67 -3.86
C ARG A 220 16.10 2.27 -4.49
N GLY A 221 15.69 2.16 -5.75
CA GLY A 221 15.75 0.89 -6.44
C GLY A 221 14.81 -0.10 -5.80
N CYS A 222 15.19 -1.38 -5.76
CA CYS A 222 14.39 -2.44 -5.14
C CYS A 222 15.25 -3.59 -4.64
N ALA A 223 15.24 -3.80 -3.33
CA ALA A 223 16.00 -4.87 -2.69
C ALA A 223 17.50 -4.59 -2.69
N LEU A 224 17.85 -3.31 -2.76
CA LEU A 224 19.25 -2.90 -2.76
C LEU A 224 19.77 -2.67 -1.36
N LYS A 225 21.04 -3.04 -1.17
CA LYS A 225 21.75 -2.90 0.10
C LYS A 225 21.69 -1.50 0.71
N ASP A 226 21.34 -1.46 1.99
CA ASP A 226 21.24 -0.22 2.75
C ASP A 226 20.21 0.73 2.18
N LYS A 227 19.22 0.18 1.48
CA LYS A 227 18.16 0.96 0.86
C LYS A 227 16.78 0.42 1.25
N PRO A 228 16.42 0.56 2.54
CA PRO A 228 15.14 0.09 3.09
C PRO A 228 13.92 0.61 2.31
N GLY A 229 12.79 -0.05 2.48
CA GLY A 229 11.58 0.39 1.83
C GLY A 229 10.94 1.35 2.82
N VAL A 230 10.63 2.57 2.38
CA VAL A 230 10.04 3.57 3.25
C VAL A 230 8.51 3.45 3.18
N TYR A 231 7.83 3.82 4.26
CA TYR A 231 6.37 3.73 4.35
C TYR A 231 5.82 4.90 5.15
N THR A 232 4.52 5.16 4.99
CA THR A 232 3.85 6.25 5.71
C THR A 232 3.46 5.78 7.11
N ARG A 233 3.82 6.55 8.13
CA ARG A 233 3.48 6.17 9.49
C ARG A 233 2.02 6.52 9.79
N VAL A 234 1.15 5.56 9.55
CA VAL A 234 -0.30 5.70 9.75
C VAL A 234 -0.72 6.31 11.10
N SER A 235 -0.09 5.86 12.19
CA SER A 235 -0.41 6.36 13.51
C SER A 235 -0.42 7.88 13.56
N HIS A 236 0.47 8.51 12.79
CA HIS A 236 0.53 9.96 12.76
C HIS A 236 -0.67 10.61 12.10
N PHE A 237 -1.15 10.01 11.02
CA PHE A 237 -2.29 10.56 10.31
C PHE A 237 -3.65 10.17 10.82
N LEU A 238 -3.75 9.76 12.08
CA LEU A 238 -5.03 9.37 12.66
C LEU A 238 -6.06 10.52 12.74
N PRO A 239 -5.66 11.71 13.23
CA PRO A 239 -6.62 12.82 13.32
C PRO A 239 -7.10 13.19 11.91
N TRP A 240 -6.18 13.15 10.97
CA TRP A 240 -6.44 13.46 9.56
C TRP A 240 -7.47 12.50 8.96
N ILE A 241 -7.25 11.21 9.17
CA ILE A 241 -8.14 10.16 8.69
C ILE A 241 -9.52 10.35 9.31
N ARG A 242 -9.57 10.56 10.62
CA ARG A 242 -10.81 10.76 11.33
C ARG A 242 -11.68 11.88 10.76
N SER A 243 -11.13 13.08 10.69
CA SER A 243 -11.90 14.23 10.20
C SER A 243 -12.29 14.16 8.73
N HIS A 244 -11.53 13.40 7.94
CA HIS A 244 -11.84 13.25 6.51
C HIS A 244 -12.69 12.03 6.22
N THR A 245 -13.44 11.58 7.22
CA THR A 245 -14.31 10.42 7.07
C THR A 245 -15.61 10.62 7.85
N18 426 B . 10.60 -0.94 -1.57
C17 426 B . 11.05 -0.21 -2.54
N19 426 B . 12.38 -0.15 -2.74
C4 426 B . 10.13 0.57 -3.36
C5 426 B . 10.55 0.92 -4.69
C6 426 B . 9.80 1.78 -5.54
C10 426 B . 10.29 2.09 -6.84
C11 426 B . 9.57 2.97 -7.71
C12 426 B . 8.34 3.55 -7.29
C13 426 B . 7.83 3.22 -5.96
C1 426 B . 8.53 2.33 -5.06
C2 426 B . 8.09 1.96 -3.74
C3 426 B . 8.86 1.09 -2.87
C20 426 B . 7.70 4.48 -8.26
O23 426 B . 8.03 4.48 -9.44
N21 426 B . 6.74 5.31 -7.77
C22 426 B . 6.10 6.28 -8.50
C28 426 B . 5.18 5.98 -9.52
C27 426 B . 4.55 7.00 -10.25
C26 426 B . 4.81 8.34 -9.95
C25 426 B . 5.73 8.66 -8.92
O33 426 B . 6.15 9.94 -8.55
C34 426 B . 5.33 11.05 -8.94
C38 426 B . 4.66 11.67 -7.68
C37 426 B . 5.29 13.04 -7.47
C36 426 B . 6.29 13.31 -8.64
C35 426 B . 6.18 12.14 -9.65
C24 426 B . 6.35 7.63 -8.20
#